data_3T4K
#
_entry.id   3T4K
#
_cell.length_a   60.140
_cell.length_b   60.140
_cell.length_c   297.520
_cell.angle_alpha   90.00
_cell.angle_beta   90.00
_cell.angle_gamma   120.00
#
_symmetry.space_group_name_H-M   'P 32 2 1'
#
loop_
_entity.id
_entity.type
_entity.pdbx_description
1 polymer 'Histidine kinase 4'
2 non-polymer N-BENZYL-9H-PURIN-6-AMINE
3 non-polymer 'MALONATE ION'
4 water water
#
_entity_poly.entity_id   1
_entity_poly.type   'polypeptide(L)'
_entity_poly.pdbx_seq_one_letter_code
;MDDANKIRREEVLVSMCDQRARMLQDQFSVSVNHVHALAILVSTFHYHKNPSAIDQETFAEYTARTAFERPLLSGVAYAE
KVVNFEREMFERQHNWVIKTMDRGEPSPVRDEYAPVIFSQDSVSYLESLDMMSGEEDRENILRARETGKAVLTSPFRLLE
THHLGVVLTFPVYKSSLPENPTVEERIAATAGYLGGAFDVESLVENLLGQLAGNQAIVVHVYDITNASDPLVMYGNQDEE
ADRSLSHESKLDFGDPFRKHKMICRYHQKA
;
_entity_poly.pdbx_strand_id   A,B
#
loop_
_chem_comp.id
_chem_comp.type
_chem_comp.name
_chem_comp.formula
EMU non-polymer N-BENZYL-9H-PURIN-6-AMINE 'C12 H11 N5'
MLI non-polymer 'MALONATE ION' 'C3 H2 O4 -2'
#
# COMPACT_ATOMS: atom_id res chain seq x y z
N MET A 1 -12.19 42.58 12.64
CA MET A 1 -13.68 42.49 12.70
C MET A 1 -14.36 43.01 11.42
N ASP A 2 -13.58 43.25 10.37
CA ASP A 2 -14.10 43.84 9.11
C ASP A 2 -14.84 42.82 8.23
N ASP A 3 -15.82 43.29 7.46
CA ASP A 3 -16.42 42.50 6.38
C ASP A 3 -15.39 42.34 5.26
N ALA A 4 -15.59 41.37 4.37
CA ALA A 4 -14.60 41.11 3.30
C ALA A 4 -13.33 40.43 3.84
N ASN A 5 -12.77 40.95 4.94
CA ASN A 5 -11.79 40.16 5.70
C ASN A 5 -12.44 38.90 6.30
N LYS A 6 -13.74 38.95 6.56
CA LYS A 6 -14.46 37.76 7.07
C LYS A 6 -14.93 36.81 5.96
N ILE A 7 -15.03 37.30 4.72
CA ILE A 7 -15.14 36.40 3.56
C ILE A 7 -13.87 35.57 3.41
N ARG A 8 -12.72 36.22 3.57
CA ARG A 8 -11.44 35.54 3.54
C ARG A 8 -11.21 34.63 4.75
N ARG A 9 -11.67 35.04 5.93
CA ARG A 9 -11.62 34.21 7.13
CA ARG A 9 -11.59 34.20 7.13
C ARG A 9 -12.29 32.86 6.89
N GLU A 10 -13.47 32.90 6.28
CA GLU A 10 -14.19 31.67 5.93
C GLU A 10 -13.49 30.91 4.80
N GLU A 11 -12.91 31.63 3.85
CA GLU A 11 -12.19 30.98 2.74
C GLU A 11 -11.05 30.13 3.25
N VAL A 12 -10.35 30.63 4.26
CA VAL A 12 -9.21 29.92 4.82
C VAL A 12 -9.73 28.70 5.62
N LEU A 13 -10.81 28.88 6.38
CA LEU A 13 -11.42 27.73 7.10
C LEU A 13 -11.80 26.59 6.18
N VAL A 14 -12.51 26.92 5.08
CA VAL A 14 -12.89 25.95 4.07
C VAL A 14 -11.68 25.20 3.51
N SER A 15 -10.65 25.95 3.08
CA SER A 15 -9.43 25.33 2.54
C SER A 15 -8.69 24.45 3.58
N MET A 16 -8.55 24.94 4.80
CA MET A 16 -7.85 24.18 5.85
C MET A 16 -8.56 22.87 6.20
N CYS A 17 -9.89 22.95 6.34
CA CYS A 17 -10.73 21.81 6.67
C CYS A 17 -10.77 20.78 5.55
N ASP A 18 -11.03 21.24 4.33
CA ASP A 18 -11.03 20.37 3.15
C ASP A 18 -9.71 19.66 2.98
N GLN A 19 -8.58 20.35 3.18
CA GLN A 19 -7.26 19.69 3.08
C GLN A 19 -7.07 18.62 4.16
N ARG A 20 -7.46 18.92 5.40
CA ARG A 20 -7.34 17.93 6.48
C ARG A 20 -8.22 16.69 6.21
N ALA A 21 -9.45 16.91 5.74
CA ALA A 21 -10.34 15.82 5.37
C ALA A 21 -9.75 14.96 4.25
N ARG A 22 -9.22 15.58 3.20
CA ARG A 22 -8.57 14.82 2.12
C ARG A 22 -7.39 14.00 2.64
N MET A 23 -6.57 14.58 3.52
CA MET A 23 -5.44 13.86 4.10
C MET A 23 -5.87 12.65 4.93
N LEU A 24 -6.88 12.82 5.77
CA LEU A 24 -7.39 11.72 6.58
C LEU A 24 -7.94 10.59 5.70
N GLN A 25 -8.77 10.97 4.73
CA GLN A 25 -9.38 10.00 3.83
C GLN A 25 -8.30 9.26 3.00
N ASP A 26 -7.30 9.97 2.49
CA ASP A 26 -6.26 9.34 1.69
CA ASP A 26 -6.24 9.34 1.70
C ASP A 26 -5.43 8.36 2.52
N GLN A 27 -5.04 8.80 3.73
CA GLN A 27 -4.28 8.00 4.69
CA GLN A 27 -4.24 7.94 4.58
C GLN A 27 -4.98 6.72 5.05
N PHE A 28 -6.28 6.83 5.32
CA PHE A 28 -7.06 5.68 5.67
C PHE A 28 -7.16 4.70 4.49
N SER A 29 -7.38 5.25 3.30
CA SER A 29 -7.46 4.45 2.07
C SER A 29 -6.18 3.64 1.82
N VAL A 30 -5.04 4.31 2.02
CA VAL A 30 -3.74 3.67 1.87
C VAL A 30 -3.61 2.49 2.84
N SER A 31 -3.98 2.74 4.10
CA SER A 31 -3.98 1.69 5.12
C SER A 31 -4.89 0.52 4.83
N VAL A 32 -6.13 0.77 4.41
CA VAL A 32 -7.04 -0.30 4.00
C VAL A 32 -6.43 -1.16 2.89
N ASN A 33 -5.84 -0.51 1.91
CA ASN A 33 -5.25 -1.24 0.78
C ASN A 33 -4.13 -2.15 1.20
N HIS A 34 -3.33 -1.69 2.17
CA HIS A 34 -2.25 -2.53 2.66
C HIS A 34 -2.74 -3.65 3.58
N VAL A 35 -3.82 -3.41 4.32
CA VAL A 35 -4.44 -4.50 5.06
C VAL A 35 -4.98 -5.58 4.08
N HIS A 36 -5.58 -5.17 2.98
CA HIS A 36 -6.03 -6.10 1.97
C HIS A 36 -4.82 -7.01 1.53
N ALA A 37 -3.69 -6.37 1.26
CA ALA A 37 -2.50 -7.14 0.88
C ALA A 37 -2.11 -8.16 1.93
N LEU A 38 -2.19 -7.79 3.22
CA LEU A 38 -1.87 -8.76 4.29
C LEU A 38 -2.85 -9.93 4.33
N ALA A 39 -4.13 -9.66 4.06
CA ALA A 39 -5.10 -10.76 3.98
C ALA A 39 -4.73 -11.75 2.85
N ILE A 40 -4.31 -11.20 1.72
CA ILE A 40 -3.84 -12.00 0.56
C ILE A 40 -2.53 -12.74 0.95
N LEU A 41 -1.66 -12.06 1.68
CA LEU A 41 -0.44 -12.71 2.25
C LEU A 41 -0.77 -13.93 3.12
N VAL A 42 -1.68 -13.79 4.07
CA VAL A 42 -2.06 -14.93 4.92
C VAL A 42 -2.61 -16.05 4.02
N SER A 43 -3.49 -15.69 3.07
CA SER A 43 -4.07 -16.68 2.18
C SER A 43 -3.01 -17.46 1.42
N THR A 44 -2.08 -16.73 0.81
CA THR A 44 -1.09 -17.33 -0.10
C THR A 44 -0.01 -18.10 0.65
N PHE A 45 0.51 -17.50 1.73
CA PHE A 45 1.71 -18.02 2.41
C PHE A 45 1.41 -18.91 3.62
N HIS A 46 0.24 -18.73 4.24
CA HIS A 46 -0.18 -19.59 5.37
C HIS A 46 -1.08 -20.74 4.90
N TYR A 47 -2.16 -20.44 4.15
CA TYR A 47 -3.10 -21.47 3.74
C TYR A 47 -2.69 -22.22 2.49
N HIS A 48 -2.38 -21.52 1.41
CA HIS A 48 -2.11 -22.19 0.15
C HIS A 48 -0.79 -22.93 0.15
N LYS A 49 0.23 -22.36 0.75
CA LYS A 49 1.55 -22.98 0.78
C LYS A 49 1.56 -24.20 1.72
N ASN A 50 2.17 -25.28 1.27
CA ASN A 50 2.27 -26.53 2.02
C ASN A 50 3.76 -26.83 2.16
N PRO A 51 4.34 -26.58 3.37
CA PRO A 51 3.76 -26.14 4.61
C PRO A 51 3.64 -24.63 4.68
N SER A 52 2.87 -24.15 5.62
CA SER A 52 2.79 -22.71 5.92
C SER A 52 4.17 -22.06 6.09
N ALA A 53 4.33 -20.89 5.51
CA ALA A 53 5.51 -20.03 5.70
C ALA A 53 5.32 -19.04 6.84
N ILE A 54 4.14 -19.00 7.47
CA ILE A 54 3.90 -17.95 8.45
C ILE A 54 3.72 -18.56 9.81
N ASP A 55 4.67 -18.26 10.70
CA ASP A 55 4.49 -18.44 12.15
C ASP A 55 4.38 -17.05 12.78
N GLN A 56 4.22 -17.02 14.09
CA GLN A 56 4.06 -15.74 14.79
C GLN A 56 5.28 -14.85 14.55
N GLU A 57 6.50 -15.38 14.68
CA GLU A 57 7.73 -14.62 14.45
CA GLU A 57 7.69 -14.55 14.48
C GLU A 57 7.73 -13.95 13.07
N THR A 58 7.34 -14.72 12.06
CA THR A 58 7.31 -14.22 10.68
C THR A 58 6.30 -13.11 10.51
N PHE A 59 5.09 -13.31 11.00
CA PHE A 59 4.07 -12.28 10.92
C PHE A 59 4.47 -11.00 11.65
N ALA A 60 5.05 -11.14 12.84
CA ALA A 60 5.52 -10.00 13.62
C ALA A 60 6.59 -9.21 12.85
N GLU A 61 7.53 -9.92 12.25
CA GLU A 61 8.64 -9.28 11.54
C GLU A 61 8.13 -8.53 10.31
N TYR A 62 7.37 -9.21 9.46
CA TYR A 62 6.86 -8.62 8.25
C TYR A 62 5.99 -7.38 8.52
N THR A 63 5.08 -7.47 9.48
CA THR A 63 4.20 -6.34 9.83
C THR A 63 4.96 -5.17 10.48
N ALA A 64 5.96 -5.45 11.31
CA ALA A 64 6.82 -4.41 11.88
C ALA A 64 7.55 -3.64 10.77
N ARG A 65 8.16 -4.39 9.86
CA ARG A 65 8.97 -3.79 8.80
C ARG A 65 8.11 -3.00 7.80
N THR A 66 6.83 -3.34 7.68
CA THR A 66 5.88 -2.65 6.79
C THR A 66 4.92 -1.69 7.52
N ALA A 67 5.19 -1.37 8.79
CA ALA A 67 4.26 -0.51 9.56
C ALA A 67 4.01 0.82 8.88
N PHE A 68 5.04 1.34 8.21
CA PHE A 68 4.95 2.59 7.47
C PHE A 68 3.94 2.56 6.34
N GLU A 69 3.60 1.38 5.85
CA GLU A 69 2.58 1.22 4.82
C GLU A 69 1.15 1.42 5.37
N ARG A 70 0.98 1.39 6.70
CA ARG A 70 -0.35 1.45 7.32
C ARG A 70 -0.43 2.61 8.33
N PRO A 71 -0.37 3.83 7.82
CA PRO A 71 -0.17 4.99 8.69
C PRO A 71 -1.22 5.20 9.76
N LEU A 72 -2.46 4.85 9.55
CA LEU A 72 -3.36 5.24 10.68
C LEU A 72 -3.66 4.05 11.66
N LEU A 73 -2.94 2.96 11.46
CA LEU A 73 -3.16 1.73 12.24
C LEU A 73 -2.12 1.55 13.34
N SER A 74 -2.57 1.33 14.56
CA SER A 74 -1.67 1.05 15.68
C SER A 74 -1.17 -0.40 15.66
N GLY A 75 -1.87 -1.30 14.96
CA GLY A 75 -1.47 -2.70 14.88
C GLY A 75 -2.41 -3.50 14.00
N VAL A 76 -1.93 -4.63 13.51
CA VAL A 76 -2.69 -5.60 12.74
C VAL A 76 -2.52 -6.99 13.34
N ALA A 77 -3.53 -7.83 13.16
CA ALA A 77 -3.52 -9.20 13.66
C ALA A 77 -4.40 -10.08 12.75
N TYR A 78 -4.17 -11.38 12.82
CA TYR A 78 -5.00 -12.37 12.13
C TYR A 78 -5.66 -13.32 13.12
N ALA A 79 -6.99 -13.42 13.02
CA ALA A 79 -7.80 -14.32 13.90
C ALA A 79 -8.34 -15.46 13.04
N GLU A 80 -8.21 -16.68 13.50
CA GLU A 80 -8.67 -17.82 12.74
C GLU A 80 -10.10 -18.19 13.21
N LYS A 81 -10.95 -18.57 12.29
CA LYS A 81 -12.29 -19.07 12.63
C LYS A 81 -12.19 -20.49 13.27
N VAL A 82 -12.82 -20.68 14.42
CA VAL A 82 -12.80 -21.94 15.16
C VAL A 82 -14.23 -22.19 15.59
N VAL A 83 -14.79 -23.30 15.15
CA VAL A 83 -16.14 -23.64 15.60
CA VAL A 83 -16.15 -23.69 15.55
C VAL A 83 -16.02 -24.53 16.82
N ASN A 84 -17.08 -24.59 17.61
CA ASN A 84 -16.96 -25.25 18.91
C ASN A 84 -16.52 -26.73 18.82
N PHE A 85 -17.01 -27.44 17.81
CA PHE A 85 -16.65 -28.83 17.58
CA PHE A 85 -16.64 -28.87 17.68
C PHE A 85 -15.13 -29.05 17.54
N GLU A 86 -14.43 -28.01 17.08
CA GLU A 86 -12.96 -28.01 16.84
C GLU A 86 -12.15 -27.44 17.98
N ARG A 87 -12.80 -26.84 18.97
CA ARG A 87 -12.05 -26.01 19.93
C ARG A 87 -10.98 -26.80 20.72
N GLU A 88 -11.33 -27.97 21.26
CA GLU A 88 -10.35 -28.78 22.04
C GLU A 88 -9.14 -29.13 21.18
N MET A 89 -9.40 -29.53 19.94
CA MET A 89 -8.34 -29.82 18.96
CA MET A 89 -8.31 -29.83 19.00
C MET A 89 -7.43 -28.61 18.73
N PHE A 90 -8.04 -27.47 18.40
CA PHE A 90 -7.30 -26.22 18.17
C PHE A 90 -6.40 -25.85 19.39
N GLU A 91 -6.98 -25.91 20.57
CA GLU A 91 -6.25 -25.53 21.80
C GLU A 91 -5.08 -26.48 22.07
N ARG A 92 -5.26 -27.77 21.81
CA ARG A 92 -4.20 -28.74 22.05
CA ARG A 92 -4.19 -28.73 22.05
C ARG A 92 -3.05 -28.50 21.07
N GLN A 93 -3.37 -28.24 19.81
CA GLN A 93 -2.36 -27.99 18.78
C GLN A 93 -1.56 -26.72 19.08
N HIS A 94 -2.23 -25.68 19.54
CA HIS A 94 -1.58 -24.38 19.79
C HIS A 94 -0.96 -24.29 21.19
N ASN A 95 -1.37 -25.22 22.06
CA ASN A 95 -0.92 -25.26 23.45
C ASN A 95 -1.31 -24.02 24.25
N TRP A 96 -2.52 -23.56 23.99
CA TRP A 96 -3.13 -22.50 24.77
C TRP A 96 -4.60 -22.49 24.60
N VAL A 97 -5.27 -21.94 25.61
CA VAL A 97 -6.72 -21.83 25.67
CA VAL A 97 -6.72 -21.84 25.60
C VAL A 97 -7.22 -20.49 25.06
N ILE A 98 -8.34 -20.55 24.35
CA ILE A 98 -9.02 -19.38 23.80
C ILE A 98 -9.52 -18.54 24.97
N LYS A 99 -9.22 -17.24 24.94
CA LYS A 99 -9.55 -16.35 26.06
C LYS A 99 -10.59 -15.29 25.67
N THR A 100 -11.28 -14.73 26.66
CA THR A 100 -12.22 -13.63 26.45
C THR A 100 -11.48 -12.30 26.50
N MET A 101 -11.96 -11.34 25.73
CA MET A 101 -11.24 -10.06 25.70
C MET A 101 -11.46 -9.19 26.91
N ASP A 102 -12.56 -9.39 27.64
CA ASP A 102 -12.83 -8.48 28.74
C ASP A 102 -11.89 -8.72 29.93
N ARG A 103 -11.53 -9.98 30.16
CA ARG A 103 -10.74 -10.39 31.33
C ARG A 103 -9.47 -11.22 31.02
N GLY A 104 -9.26 -11.62 29.78
CA GLY A 104 -8.20 -12.58 29.46
C GLY A 104 -8.46 -13.94 30.11
N GLU A 105 -9.71 -14.23 30.50
CA GLU A 105 -10.07 -15.50 31.14
CA GLU A 105 -10.06 -15.50 31.14
C GLU A 105 -10.42 -16.56 30.09
N PRO A 106 -10.32 -17.85 30.44
CA PRO A 106 -10.71 -18.88 29.46
C PRO A 106 -12.14 -18.67 28.97
N SER A 107 -12.35 -18.77 27.65
CA SER A 107 -13.68 -18.51 27.11
C SER A 107 -14.70 -19.54 27.55
N PRO A 108 -15.93 -19.09 27.87
CA PRO A 108 -17.02 -20.04 27.98
C PRO A 108 -17.34 -20.68 26.63
N VAL A 109 -18.20 -21.69 26.65
CA VAL A 109 -18.61 -22.37 25.43
C VAL A 109 -19.46 -21.42 24.58
N ARG A 110 -19.09 -21.30 23.31
CA ARG A 110 -19.75 -20.46 22.30
C ARG A 110 -19.85 -21.31 21.05
N ASP A 111 -20.77 -21.01 20.12
CA ASP A 111 -20.90 -21.80 18.89
C ASP A 111 -19.61 -21.72 18.05
N GLU A 112 -18.99 -20.53 18.06
CA GLU A 112 -17.73 -20.30 17.34
C GLU A 112 -16.95 -19.19 17.96
N TYR A 113 -15.71 -19.04 17.52
CA TYR A 113 -14.76 -18.10 18.09
C TYR A 113 -13.87 -17.56 16.97
N ALA A 114 -13.20 -16.45 17.24
CA ALA A 114 -12.18 -15.88 16.35
C ALA A 114 -10.88 -15.55 17.12
N PRO A 115 -10.15 -16.58 17.61
CA PRO A 115 -8.93 -16.31 18.41
C PRO A 115 -7.80 -15.82 17.50
N VAL A 116 -7.09 -14.82 17.99
CA VAL A 116 -5.92 -14.27 17.32
C VAL A 116 -4.77 -15.27 17.41
N ILE A 117 -4.24 -15.63 16.25
CA ILE A 117 -3.11 -16.55 16.16
C ILE A 117 -1.80 -15.88 15.71
N PHE A 118 -1.91 -14.78 14.98
CA PHE A 118 -0.75 -13.97 14.58
C PHE A 118 -1.02 -12.48 14.94
N SER A 119 -0.01 -11.80 15.45
CA SER A 119 -0.13 -10.39 15.84
C SER A 119 1.13 -9.58 15.62
N GLN A 120 0.94 -8.35 15.16
CA GLN A 120 1.97 -7.36 15.23
C GLN A 120 2.32 -7.13 16.72
N ASP A 121 3.59 -6.97 17.04
CA ASP A 121 4.03 -6.85 18.44
C ASP A 121 3.40 -5.66 19.20
N SER A 122 3.08 -4.61 18.45
CA SER A 122 2.33 -3.46 18.97
C SER A 122 0.97 -3.82 19.56
N VAL A 123 0.38 -4.93 19.12
CA VAL A 123 -0.90 -5.41 19.67
C VAL A 123 -0.79 -6.87 20.13
N SER A 124 0.36 -7.20 20.73
CA SER A 124 0.66 -8.57 21.14
C SER A 124 -0.32 -9.13 22.20
N TYR A 125 -0.84 -8.24 23.04
CA TYR A 125 -1.93 -8.58 23.99
C TYR A 125 -3.22 -9.17 23.35
N LEU A 126 -3.39 -9.06 22.02
CA LEU A 126 -4.50 -9.73 21.34
C LEU A 126 -4.31 -11.24 21.20
N GLU A 127 -3.06 -11.71 21.27
CA GLU A 127 -2.81 -13.13 21.03
C GLU A 127 -3.65 -14.02 21.98
N SER A 128 -4.34 -14.98 21.38
CA SER A 128 -5.26 -15.96 22.04
C SER A 128 -6.64 -15.40 22.40
N LEU A 129 -6.85 -14.10 22.26
CA LEU A 129 -8.18 -13.52 22.54
C LEU A 129 -9.16 -13.83 21.44
N ASP A 130 -10.37 -14.25 21.83
CA ASP A 130 -11.48 -14.46 20.89
C ASP A 130 -12.04 -13.09 20.52
N MET A 131 -11.84 -12.69 19.26
CA MET A 131 -12.29 -11.37 18.78
CA MET A 131 -12.27 -11.36 18.84
C MET A 131 -13.82 -11.29 18.71
N MET A 132 -14.52 -12.42 18.78
CA MET A 132 -15.97 -12.38 18.83
CA MET A 132 -15.98 -12.36 18.83
C MET A 132 -16.52 -12.05 20.22
N SER A 133 -15.65 -11.96 21.24
CA SER A 133 -16.10 -11.67 22.62
C SER A 133 -16.22 -10.17 22.95
N GLY A 134 -15.91 -9.32 21.96
CA GLY A 134 -16.24 -7.90 22.01
C GLY A 134 -17.32 -7.61 20.98
N GLU A 135 -18.34 -6.83 21.34
CA GLU A 135 -19.51 -6.67 20.44
C GLU A 135 -19.17 -5.93 19.17
N GLU A 136 -18.35 -4.87 19.26
CA GLU A 136 -17.93 -4.14 18.05
C GLU A 136 -17.19 -5.07 17.07
N ASP A 137 -16.22 -5.80 17.59
CA ASP A 137 -15.41 -6.71 16.79
C ASP A 137 -16.26 -7.86 16.24
N ARG A 138 -17.18 -8.39 17.07
CA ARG A 138 -18.08 -9.48 16.61
C ARG A 138 -18.90 -9.07 15.40
N GLU A 139 -19.55 -7.92 15.50
CA GLU A 139 -20.39 -7.43 14.40
C GLU A 139 -19.55 -7.20 13.14
N ASN A 140 -18.34 -6.66 13.31
CA ASN A 140 -17.48 -6.40 12.18
C ASN A 140 -17.07 -7.71 11.51
N ILE A 141 -16.76 -8.73 12.31
CA ILE A 141 -16.41 -10.05 11.76
C ILE A 141 -17.52 -10.63 10.90
N LEU A 142 -18.74 -10.57 11.42
CA LEU A 142 -19.87 -11.11 10.69
C LEU A 142 -20.09 -10.35 9.39
N ARG A 143 -20.07 -9.01 9.42
CA ARG A 143 -20.34 -8.26 8.19
C ARG A 143 -19.18 -8.44 7.17
N ALA A 144 -17.94 -8.51 7.67
CA ALA A 144 -16.78 -8.79 6.80
C ALA A 144 -16.98 -10.10 6.05
N ARG A 145 -17.26 -11.18 6.76
CA ARG A 145 -17.38 -12.46 6.09
C ARG A 145 -18.61 -12.57 5.19
N GLU A 146 -19.73 -11.92 5.56
CA GLU A 146 -20.96 -12.00 4.74
C GLU A 146 -20.86 -11.19 3.45
N THR A 147 -20.08 -10.11 3.45
CA THR A 147 -20.03 -9.19 2.33
C THR A 147 -18.80 -9.32 1.43
N GLY A 148 -17.72 -9.91 1.96
CA GLY A 148 -16.46 -10.10 1.25
C GLY A 148 -15.60 -8.85 1.21
N LYS A 149 -15.95 -7.84 2.01
CA LYS A 149 -15.30 -6.57 1.88
C LYS A 149 -14.83 -6.07 3.25
N ALA A 150 -13.88 -5.13 3.21
CA ALA A 150 -13.37 -4.46 4.41
C ALA A 150 -14.54 -3.74 5.09
N VAL A 151 -14.65 -3.83 6.41
CA VAL A 151 -15.71 -3.14 7.15
C VAL A 151 -15.15 -2.38 8.36
N LEU A 152 -15.86 -1.32 8.77
CA LEU A 152 -15.52 -0.51 9.92
C LEU A 152 -16.56 -0.58 11.06
N THR A 153 -16.08 -0.55 12.29
CA THR A 153 -16.94 -0.44 13.47
C THR A 153 -17.38 1.03 13.71
N SER A 154 -18.34 1.22 14.62
CA SER A 154 -18.56 2.53 15.24
C SER A 154 -17.30 2.85 16.10
N PRO A 155 -17.14 4.13 16.54
CA PRO A 155 -16.04 4.44 17.44
C PRO A 155 -16.26 3.83 18.82
N PHE A 156 -15.21 3.25 19.36
CA PHE A 156 -15.23 2.73 20.73
C PHE A 156 -13.83 2.73 21.31
N ARG A 157 -13.74 2.55 22.64
CA ARG A 157 -12.42 2.55 23.31
C ARG A 157 -11.74 1.18 23.19
N LEU A 158 -10.54 1.21 22.63
CA LEU A 158 -9.79 0.02 22.27
C LEU A 158 -9.17 -0.63 23.51
N LEU A 159 -8.86 -1.90 23.39
CA LEU A 159 -8.25 -2.66 24.45
C LEU A 159 -6.87 -2.08 24.79
N GLU A 160 -6.53 -2.19 26.07
CA GLU A 160 -5.25 -1.78 26.68
C GLU A 160 -4.98 -0.28 26.78
N THR A 161 -5.13 0.42 25.65
CA THR A 161 -4.91 1.84 25.59
C THR A 161 -6.12 2.64 26.01
N HIS A 162 -7.31 2.05 25.81
CA HIS A 162 -8.59 2.72 26.01
C HIS A 162 -8.74 3.96 25.12
N HIS A 163 -7.97 4.04 24.04
CA HIS A 163 -8.07 5.17 23.12
C HIS A 163 -9.31 5.00 22.24
N LEU A 164 -9.97 6.12 21.94
CA LEU A 164 -11.15 6.10 21.08
C LEU A 164 -10.70 5.87 19.67
N GLY A 165 -11.16 4.76 19.08
CA GLY A 165 -10.82 4.46 17.68
C GLY A 165 -11.88 3.65 16.96
N VAL A 166 -11.51 3.11 15.79
CA VAL A 166 -12.40 2.20 15.02
C VAL A 166 -11.60 1.00 14.53
N VAL A 167 -12.28 -0.12 14.35
CA VAL A 167 -11.61 -1.34 13.91
C VAL A 167 -11.99 -1.64 12.46
N LEU A 168 -10.98 -2.05 11.71
CA LEU A 168 -11.11 -2.46 10.31
C LEU A 168 -10.94 -3.97 10.29
N THR A 169 -11.84 -4.67 9.60
CA THR A 169 -11.76 -6.14 9.47
C THR A 169 -12.00 -6.57 8.02
N PHE A 170 -11.11 -7.45 7.54
CA PHE A 170 -11.14 -8.06 6.19
CA PHE A 170 -11.22 -8.01 6.22
C PHE A 170 -11.33 -9.55 6.36
N PRO A 171 -12.19 -10.20 5.54
CA PRO A 171 -12.31 -11.64 5.59
C PRO A 171 -11.20 -12.36 4.83
N VAL A 172 -10.81 -13.56 5.28
CA VAL A 172 -9.95 -14.43 4.53
C VAL A 172 -10.70 -15.71 4.26
N TYR A 173 -10.79 -16.09 3.00
CA TYR A 173 -11.59 -17.28 2.62
C TYR A 173 -10.69 -18.44 2.24
N LYS A 174 -11.20 -19.63 2.48
CA LYS A 174 -10.66 -20.89 1.95
C LYS A 174 -10.78 -20.95 0.41
N SER A 175 -9.90 -21.73 -0.22
CA SER A 175 -9.91 -21.88 -1.68
C SER A 175 -11.19 -22.54 -2.22
N SER A 176 -12.00 -23.13 -1.34
CA SER A 176 -13.29 -23.74 -1.73
C SER A 176 -14.41 -22.72 -1.98
N LEU A 177 -14.15 -21.43 -1.75
CA LEU A 177 -15.14 -20.38 -1.97
C LEU A 177 -15.53 -20.42 -3.45
N PRO A 178 -16.83 -20.64 -3.75
CA PRO A 178 -17.29 -20.68 -5.13
C PRO A 178 -17.14 -19.33 -5.84
N GLU A 179 -17.13 -19.36 -7.18
CA GLU A 179 -17.22 -18.13 -7.96
C GLU A 179 -18.64 -17.57 -7.81
N ASN A 180 -18.76 -16.24 -7.84
CA ASN A 180 -20.02 -15.53 -7.51
C ASN A 180 -20.78 -16.14 -6.31
N PRO A 181 -20.15 -16.12 -5.13
CA PRO A 181 -20.70 -16.87 -3.99
C PRO A 181 -21.91 -16.21 -3.33
N THR A 182 -22.78 -17.02 -2.75
CA THR A 182 -23.90 -16.51 -1.96
C THR A 182 -23.38 -16.17 -0.58
N VAL A 183 -24.18 -15.49 0.23
CA VAL A 183 -23.73 -15.20 1.61
C VAL A 183 -23.47 -16.50 2.41
N GLU A 184 -24.37 -17.45 2.25
CA GLU A 184 -24.27 -18.73 2.90
C GLU A 184 -22.96 -19.43 2.49
N GLU A 185 -22.59 -19.33 1.24
CA GLU A 185 -21.32 -19.90 0.77
C GLU A 185 -20.10 -19.18 1.36
N ARG A 186 -20.15 -17.85 1.43
CA ARG A 186 -19.08 -17.07 2.09
C ARG A 186 -18.80 -17.50 3.54
N ILE A 187 -19.88 -17.65 4.28
CA ILE A 187 -19.78 -18.07 5.66
C ILE A 187 -19.09 -19.45 5.74
N ALA A 188 -19.55 -20.40 4.90
CA ALA A 188 -19.02 -21.78 4.95
C ALA A 188 -17.56 -21.83 4.57
N ALA A 189 -17.16 -20.90 3.71
CA ALA A 189 -15.77 -20.84 3.21
C ALA A 189 -14.83 -19.94 4.02
N THR A 190 -15.31 -19.35 5.10
CA THR A 190 -14.50 -18.42 5.88
C THR A 190 -13.37 -19.15 6.60
N ALA A 191 -12.12 -18.68 6.40
CA ALA A 191 -11.00 -19.20 7.16
C ALA A 191 -10.71 -18.37 8.41
N GLY A 192 -10.86 -17.05 8.28
CA GLY A 192 -10.50 -16.12 9.33
C GLY A 192 -10.62 -14.67 8.93
N TYR A 193 -10.04 -13.82 9.77
CA TYR A 193 -10.23 -12.37 9.70
C TYR A 193 -8.94 -11.62 9.95
N LEU A 194 -8.62 -10.69 9.05
CA LEU A 194 -7.40 -9.86 9.17
C LEU A 194 -7.90 -8.51 9.64
N GLY A 195 -7.47 -8.12 10.81
CA GLY A 195 -7.94 -6.88 11.43
C GLY A 195 -6.87 -5.90 11.80
N GLY A 196 -7.28 -4.64 11.87
CA GLY A 196 -6.43 -3.57 12.27
C GLY A 196 -7.18 -2.54 13.07
N ALA A 197 -6.45 -1.87 13.94
CA ALA A 197 -7.00 -0.89 14.85
C ALA A 197 -6.60 0.52 14.39
N PHE A 198 -7.59 1.31 14.01
CA PHE A 198 -7.40 2.74 13.70
CA PHE A 198 -7.32 2.73 13.73
C PHE A 198 -7.43 3.47 15.05
N ASP A 199 -6.28 3.79 15.62
CA ASP A 199 -6.19 4.54 16.87
C ASP A 199 -6.36 5.99 16.51
N VAL A 200 -7.61 6.40 16.31
CA VAL A 200 -7.94 7.77 15.89
C VAL A 200 -7.41 8.78 16.92
N GLU A 201 -7.71 8.52 18.20
CA GLU A 201 -7.39 9.44 19.29
C GLU A 201 -5.91 9.89 19.30
N SER A 202 -4.99 8.92 19.20
CA SER A 202 -3.55 9.20 19.21
C SER A 202 -3.04 9.59 17.81
N LEU A 203 -3.43 8.82 16.79
CA LEU A 203 -2.76 8.93 15.49
C LEU A 203 -3.31 10.05 14.63
N VAL A 204 -4.61 10.34 14.71
CA VAL A 204 -5.17 11.51 14.04
C VAL A 204 -4.72 12.81 14.72
N GLU A 205 -4.60 12.79 16.05
CA GLU A 205 -4.03 13.94 16.75
C GLU A 205 -2.58 14.21 16.31
N ASN A 206 -1.79 13.15 16.21
CA ASN A 206 -0.41 13.27 15.71
C ASN A 206 -0.37 13.84 14.28
N LEU A 207 -1.27 13.35 13.41
CA LEU A 207 -1.28 13.85 12.02
C LEU A 207 -1.63 15.35 11.99
N LEU A 208 -2.74 15.69 12.63
CA LEU A 208 -3.26 17.07 12.65
C LEU A 208 -2.41 18.05 13.42
N GLY A 209 -1.85 17.59 14.53
CA GLY A 209 -1.02 18.44 15.37
C GLY A 209 0.29 18.91 14.76
N GLN A 210 0.79 18.22 13.74
CA GLN A 210 2.00 18.63 13.06
C GLN A 210 1.75 19.63 11.92
N LEU A 211 0.50 19.96 11.61
CA LEU A 211 0.21 20.83 10.47
C LEU A 211 0.20 22.30 10.87
N ALA A 212 0.69 23.14 9.97
CA ALA A 212 0.70 24.56 10.20
C ALA A 212 -0.73 25.06 10.36
N GLY A 213 -0.94 25.93 11.35
CA GLY A 213 -2.24 26.53 11.60
C GLY A 213 -3.12 25.67 12.48
N ASN A 214 -2.55 24.61 13.03
CA ASN A 214 -3.33 23.69 13.88
C ASN A 214 -3.89 24.39 15.11
N GLN A 215 -3.11 25.30 15.70
CA GLN A 215 -3.53 25.96 16.95
C GLN A 215 -4.73 26.91 16.71
N ALA A 216 -4.95 27.31 15.45
CA ALA A 216 -6.04 28.24 15.10
C ALA A 216 -7.39 27.57 14.95
N ILE A 217 -7.39 26.24 14.78
CA ILE A 217 -8.53 25.48 14.29
C ILE A 217 -8.91 24.37 15.28
N VAL A 218 -10.21 24.11 15.38
CA VAL A 218 -10.75 22.99 16.12
C VAL A 218 -11.30 22.02 15.07
N VAL A 219 -10.83 20.77 15.10
CA VAL A 219 -11.28 19.73 14.17
C VAL A 219 -12.03 18.61 14.92
N HIS A 220 -13.26 18.31 14.49
CA HIS A 220 -14.05 17.16 15.00
C HIS A 220 -14.45 16.25 13.84
N VAL A 221 -14.46 14.95 14.08
CA VAL A 221 -14.92 13.98 13.10
C VAL A 221 -16.05 13.18 13.76
N TYR A 222 -17.12 12.95 12.99
CA TYR A 222 -18.31 12.25 13.50
C TYR A 222 -18.64 11.06 12.63
N ASP A 223 -19.16 10.00 13.27
CA ASP A 223 -19.81 8.89 12.61
C ASP A 223 -21.32 9.27 12.59
N ILE A 224 -21.86 9.44 11.39
CA ILE A 224 -23.23 9.91 11.20
C ILE A 224 -24.06 8.86 10.46
N THR A 225 -23.66 7.61 10.61
CA THR A 225 -24.38 6.44 10.11
C THR A 225 -25.86 6.51 10.47
N ASN A 226 -26.13 6.87 11.73
CA ASN A 226 -27.49 7.16 12.20
C ASN A 226 -27.63 8.69 12.36
N ALA A 227 -28.39 9.32 11.49
CA ALA A 227 -28.55 10.79 11.50
C ALA A 227 -28.95 11.34 12.88
N SER A 228 -29.92 10.69 13.52
CA SER A 228 -30.44 11.14 14.82
C SER A 228 -29.52 10.81 16.01
N ASP A 229 -28.40 10.11 15.75
CA ASP A 229 -27.49 9.66 16.82
C ASP A 229 -26.03 9.78 16.32
N PRO A 230 -25.56 11.02 16.15
CA PRO A 230 -24.17 11.21 15.73
C PRO A 230 -23.22 10.73 16.82
N LEU A 231 -22.12 10.12 16.42
CA LEU A 231 -21.14 9.60 17.38
C LEU A 231 -19.79 10.26 17.17
N VAL A 232 -19.19 10.80 18.23
CA VAL A 232 -17.87 11.42 18.16
CA VAL A 232 -17.88 11.43 18.11
C VAL A 232 -16.83 10.36 17.80
N MET A 233 -16.05 10.63 16.75
CA MET A 233 -14.94 9.75 16.34
C MET A 233 -13.62 10.40 16.72
N TYR A 234 -13.53 11.72 16.53
CA TYR A 234 -12.35 12.49 16.93
C TYR A 234 -12.76 13.87 17.45
N GLY A 235 -12.13 14.31 18.53
CA GLY A 235 -12.23 15.71 18.98
C GLY A 235 -12.92 15.84 20.33
N ASN A 236 -12.66 16.96 21.02
CA ASN A 236 -13.31 17.31 22.28
C ASN A 236 -14.50 18.25 22.00
N GLN A 237 -15.69 17.68 21.75
CA GLN A 237 -16.84 18.49 21.27
C GLN A 237 -17.24 19.58 22.28
N ASP A 238 -17.22 19.24 23.58
CA ASP A 238 -17.38 20.25 24.62
C ASP A 238 -16.45 21.46 24.53
N GLU A 239 -15.20 21.26 24.10
CA GLU A 239 -14.19 22.35 24.10
C GLU A 239 -14.72 23.61 23.42
N GLU A 240 -14.33 24.76 23.95
CA GLU A 240 -14.83 26.02 23.44
C GLU A 240 -14.20 26.36 22.08
N ALA A 241 -15.07 26.78 21.17
CA ALA A 241 -14.67 27.16 19.82
C ALA A 241 -15.59 28.27 19.35
N ASP A 242 -15.30 28.82 18.18
CA ASP A 242 -16.06 29.91 17.61
C ASP A 242 -17.42 29.42 17.13
N ARG A 243 -18.48 29.84 17.82
CA ARG A 243 -19.83 29.35 17.57
C ARG A 243 -20.48 29.97 16.31
N SER A 244 -19.90 31.04 15.77
CA SER A 244 -20.54 31.80 14.69
C SER A 244 -20.27 31.30 13.26
N LEU A 245 -19.23 30.48 13.07
CA LEU A 245 -18.85 30.00 11.76
C LEU A 245 -18.33 28.56 11.86
N SER A 246 -18.76 27.71 10.93
CA SER A 246 -18.20 26.36 10.84
C SER A 246 -18.20 25.90 9.40
N HIS A 247 -17.44 24.85 9.13
CA HIS A 247 -17.45 24.23 7.82
C HIS A 247 -17.50 22.72 7.97
N GLU A 248 -18.30 22.09 7.11
CA GLU A 248 -18.41 20.65 7.03
C GLU A 248 -17.63 20.17 5.81
N SER A 249 -16.65 19.29 6.05
CA SER A 249 -15.90 18.68 4.97
C SER A 249 -16.30 17.22 4.83
N LYS A 250 -16.37 16.75 3.60
CA LYS A 250 -16.79 15.39 3.34
C LYS A 250 -15.69 14.38 3.71
N LEU A 251 -16.10 13.22 4.25
CA LEU A 251 -15.20 12.07 4.42
C LEU A 251 -15.84 10.78 3.92
N ASP A 252 -15.05 9.96 3.21
CA ASP A 252 -15.47 8.63 2.80
C ASP A 252 -14.38 7.60 3.17
N PHE A 253 -14.62 6.87 4.25
CA PHE A 253 -13.69 5.81 4.69
C PHE A 253 -13.90 4.46 4.00
N GLY A 254 -14.87 4.37 3.08
CA GLY A 254 -14.92 3.26 2.12
C GLY A 254 -15.89 2.12 2.46
N ASP A 255 -16.54 2.18 3.62
CA ASP A 255 -17.53 1.18 4.00
C ASP A 255 -18.93 1.76 3.83
N PRO A 256 -19.68 1.29 2.84
CA PRO A 256 -21.01 1.87 2.59
C PRO A 256 -22.00 1.69 3.78
N PHE A 257 -21.69 0.81 4.74
CA PHE A 257 -22.53 0.68 5.93
C PHE A 257 -22.40 1.89 6.88
N ARG A 258 -21.27 2.59 6.80
CA ARG A 258 -20.99 3.70 7.68
C ARG A 258 -20.93 5.03 6.91
N LYS A 259 -21.27 6.12 7.59
CA LYS A 259 -21.10 7.47 7.03
CA LYS A 259 -21.10 7.48 7.04
C LYS A 259 -20.35 8.34 8.04
N HIS A 260 -19.54 9.27 7.53
CA HIS A 260 -18.72 10.15 8.39
C HIS A 260 -18.64 11.58 7.82
N LYS A 261 -18.27 12.51 8.71
CA LYS A 261 -18.03 13.93 8.32
C LYS A 261 -17.04 14.60 9.27
N MET A 262 -16.39 15.66 8.77
CA MET A 262 -15.48 16.47 9.55
C MET A 262 -16.11 17.84 9.69
N ILE A 263 -16.01 18.43 10.88
CA ILE A 263 -16.49 19.79 11.14
C ILE A 263 -15.35 20.56 11.74
N CYS A 264 -15.02 21.71 11.13
CA CYS A 264 -13.98 22.58 11.64
C CYS A 264 -14.54 23.93 12.04
N ARG A 265 -13.97 24.49 13.11
CA ARG A 265 -14.20 25.88 13.55
C ARG A 265 -12.91 26.53 14.00
N TYR A 266 -12.90 27.86 14.08
CA TYR A 266 -11.81 28.57 14.73
C TYR A 266 -11.96 28.46 16.25
N HIS A 267 -10.85 28.50 16.99
CA HIS A 267 -10.90 28.64 18.46
C HIS A 267 -11.68 29.84 18.99
N GLN A 268 -11.47 31.01 18.40
CA GLN A 268 -12.17 32.23 18.86
C GLN A 268 -12.24 33.26 17.75
N ASP B 2 -10.65 37.65 -26.71
CA ASP B 2 -10.37 38.52 -25.53
C ASP B 2 -11.66 38.74 -24.71
N ASP B 3 -11.58 38.85 -23.37
CA ASP B 3 -10.35 38.96 -22.58
C ASP B 3 -10.55 38.37 -21.15
N ALA B 4 -11.68 38.69 -20.53
CA ALA B 4 -12.16 37.90 -19.38
C ALA B 4 -12.24 36.42 -19.74
N ASN B 5 -12.63 36.12 -20.98
CA ASN B 5 -12.64 34.75 -21.47
C ASN B 5 -11.23 34.13 -21.56
N LYS B 6 -10.22 34.94 -21.93
CA LYS B 6 -8.82 34.48 -21.87
C LYS B 6 -8.39 34.08 -20.45
N ILE B 7 -8.80 34.87 -19.46
CA ILE B 7 -8.48 34.59 -18.06
C ILE B 7 -9.06 33.24 -17.63
N ARG B 8 -10.34 33.02 -17.91
CA ARG B 8 -11.03 31.75 -17.64
C ARG B 8 -10.32 30.58 -18.38
N ARG B 9 -9.88 30.85 -19.60
CA ARG B 9 -9.23 29.81 -20.41
C ARG B 9 -7.92 29.37 -19.77
N GLU B 10 -7.20 30.32 -19.21
CA GLU B 10 -5.96 30.03 -18.47
C GLU B 10 -6.26 29.27 -17.17
N GLU B 11 -7.30 29.68 -16.46
CA GLU B 11 -7.67 29.02 -15.21
C GLU B 11 -8.06 27.57 -15.44
N VAL B 12 -8.78 27.29 -16.53
CA VAL B 12 -9.15 25.91 -16.88
C VAL B 12 -7.90 25.09 -17.21
N LEU B 13 -6.98 25.67 -17.96
CA LEU B 13 -5.76 24.94 -18.30
C LEU B 13 -4.96 24.54 -17.06
N VAL B 14 -4.76 25.47 -16.13
CA VAL B 14 -4.02 25.23 -14.89
C VAL B 14 -4.70 24.11 -14.11
N SER B 15 -6.02 24.19 -13.96
CA SER B 15 -6.78 23.19 -13.21
CA SER B 15 -6.79 23.19 -13.21
C SER B 15 -6.70 21.81 -13.87
N MET B 16 -6.91 21.74 -15.18
CA MET B 16 -6.81 20.48 -15.91
C MET B 16 -5.43 19.82 -15.79
N CYS B 17 -4.37 20.59 -16.03
CA CYS B 17 -3.03 20.09 -15.95
C CYS B 17 -2.64 19.68 -14.54
N ASP B 18 -2.92 20.53 -13.56
CA ASP B 18 -2.59 20.22 -12.18
C ASP B 18 -3.27 18.92 -11.71
N GLN B 19 -4.55 18.74 -12.03
CA GLN B 19 -5.24 17.50 -11.61
C GLN B 19 -4.59 16.25 -12.24
N ARG B 20 -4.27 16.33 -13.53
CA ARG B 20 -3.64 15.20 -14.23
C ARG B 20 -2.29 14.88 -13.62
N ALA B 21 -1.51 15.92 -13.37
CA ALA B 21 -0.24 15.77 -12.67
C ALA B 21 -0.41 15.10 -11.29
N ARG B 22 -1.37 15.55 -10.48
CA ARG B 22 -1.61 14.94 -9.15
C ARG B 22 -1.98 13.46 -9.30
N MET B 23 -2.86 13.17 -10.25
CA MET B 23 -3.31 11.77 -10.45
C MET B 23 -2.15 10.85 -10.79
N LEU B 24 -1.25 11.33 -11.66
CA LEU B 24 -0.09 10.55 -12.08
C LEU B 24 0.92 10.39 -10.94
N GLN B 25 1.20 11.46 -10.21
CA GLN B 25 2.12 11.35 -9.11
C GLN B 25 1.58 10.41 -8.02
N ASP B 26 0.30 10.50 -7.76
CA ASP B 26 -0.31 9.67 -6.71
C ASP B 26 -0.24 8.18 -7.09
N GLN B 27 -0.56 7.86 -8.34
CA GLN B 27 -0.57 6.48 -8.80
C GLN B 27 0.86 5.91 -8.81
N PHE B 28 1.84 6.71 -9.22
CA PHE B 28 3.23 6.32 -9.12
CA PHE B 28 3.25 6.29 -9.13
C PHE B 28 3.63 6.00 -7.67
N SER B 29 3.27 6.93 -6.78
CA SER B 29 3.61 6.79 -5.36
C SER B 29 3.06 5.50 -4.74
N VAL B 30 1.78 5.21 -5.04
CA VAL B 30 1.11 3.99 -4.55
C VAL B 30 1.91 2.76 -5.05
N SER B 31 2.30 2.78 -6.33
CA SER B 31 3.04 1.64 -6.88
C SER B 31 4.43 1.48 -6.26
N VAL B 32 5.14 2.59 -6.11
CA VAL B 32 6.45 2.58 -5.49
C VAL B 32 6.37 2.00 -4.08
N ASN B 33 5.36 2.45 -3.31
CA ASN B 33 5.19 1.94 -1.95
C ASN B 33 4.90 0.42 -1.89
N HIS B 34 4.06 -0.08 -2.79
CA HIS B 34 3.76 -1.53 -2.82
C HIS B 34 4.95 -2.35 -3.33
N VAL B 35 5.79 -1.77 -4.19
CA VAL B 35 7.00 -2.44 -4.63
C VAL B 35 7.94 -2.56 -3.44
N HIS B 36 7.99 -1.53 -2.60
CA HIS B 36 8.88 -1.53 -1.42
C HIS B 36 8.46 -2.67 -0.48
N ALA B 37 7.15 -2.86 -0.34
CA ALA B 37 6.61 -3.98 0.46
C ALA B 37 7.02 -5.34 -0.08
N LEU B 38 7.06 -5.50 -1.40
CA LEU B 38 7.55 -6.75 -2.02
C LEU B 38 9.05 -6.97 -1.78
N ALA B 39 9.81 -5.90 -1.78
CA ALA B 39 11.24 -6.01 -1.46
C ALA B 39 11.41 -6.55 -0.04
N ILE B 40 10.61 -6.03 0.89
CA ILE B 40 10.61 -6.44 2.29
C ILE B 40 10.12 -7.91 2.39
N LEU B 41 9.14 -8.26 1.58
CA LEU B 41 8.62 -9.64 1.55
C LEU B 41 9.72 -10.62 1.12
N VAL B 42 10.45 -10.29 0.05
CA VAL B 42 11.55 -11.19 -0.40
C VAL B 42 12.62 -11.31 0.69
N SER B 43 13.00 -10.19 1.31
CA SER B 43 13.97 -10.20 2.40
C SER B 43 13.50 -11.12 3.53
N THR B 44 12.27 -10.94 3.99
CA THR B 44 11.78 -11.71 5.11
C THR B 44 11.67 -13.21 4.78
N PHE B 45 11.04 -13.54 3.67
CA PHE B 45 10.67 -14.92 3.35
C PHE B 45 11.79 -15.72 2.63
N HIS B 46 12.63 -15.06 1.84
CA HIS B 46 13.70 -15.74 1.07
C HIS B 46 15.04 -15.77 1.80
N TYR B 47 15.33 -14.74 2.60
CA TYR B 47 16.63 -14.62 3.27
C TYR B 47 16.59 -14.82 4.79
N HIS B 48 15.66 -14.15 5.48
CA HIS B 48 15.59 -14.22 6.94
C HIS B 48 15.10 -15.56 7.44
N LYS B 49 14.17 -16.16 6.73
CA LYS B 49 13.74 -17.52 7.06
C LYS B 49 14.75 -18.48 6.44
N ASN B 50 15.12 -19.50 7.19
CA ASN B 50 15.92 -20.58 6.62
C ASN B 50 15.36 -21.93 7.01
N PRO B 51 15.09 -22.80 6.01
CA PRO B 51 15.34 -22.58 4.58
C PRO B 51 14.37 -21.52 4.01
N SER B 52 14.62 -21.08 2.78
CA SER B 52 13.74 -20.12 2.12
C SER B 52 12.31 -20.64 2.13
N ALA B 53 11.39 -19.71 2.38
CA ALA B 53 9.97 -20.03 2.40
C ALA B 53 9.22 -19.25 1.31
N ILE B 54 9.94 -18.92 0.24
CA ILE B 54 9.32 -18.35 -0.95
C ILE B 54 9.93 -18.96 -2.20
N ASP B 55 9.08 -19.17 -3.20
CA ASP B 55 9.48 -19.80 -4.48
C ASP B 55 8.70 -19.16 -5.66
N GLN B 56 8.96 -19.60 -6.89
CA GLN B 56 8.32 -18.97 -8.06
C GLN B 56 6.79 -19.10 -7.99
N GLU B 57 6.30 -20.30 -7.70
CA GLU B 57 4.82 -20.52 -7.65
C GLU B 57 4.17 -19.52 -6.71
N THR B 58 4.77 -19.38 -5.52
CA THR B 58 4.27 -18.50 -4.48
C THR B 58 4.39 -17.01 -4.83
N PHE B 59 5.55 -16.60 -5.32
CA PHE B 59 5.70 -15.24 -5.80
C PHE B 59 4.74 -14.87 -6.91
N ALA B 60 4.56 -15.77 -7.87
CA ALA B 60 3.61 -15.54 -8.97
C ALA B 60 2.17 -15.41 -8.46
N GLU B 61 1.77 -16.23 -7.52
CA GLU B 61 0.37 -16.14 -6.99
C GLU B 61 0.20 -14.82 -6.23
N TYR B 62 1.14 -14.52 -5.33
CA TYR B 62 1.02 -13.34 -4.51
C TYR B 62 0.99 -12.06 -5.37
N THR B 63 1.91 -11.94 -6.35
CA THR B 63 1.97 -10.78 -7.23
C THR B 63 0.74 -10.67 -8.14
N ALA B 64 0.22 -11.79 -8.65
CA ALA B 64 -1.01 -11.77 -9.44
C ALA B 64 -2.21 -11.25 -8.63
N ARG B 65 -2.35 -11.75 -7.42
CA ARG B 65 -3.46 -11.36 -6.55
C ARG B 65 -3.39 -9.92 -6.05
N THR B 66 -2.19 -9.37 -6.00
CA THR B 66 -1.95 -7.99 -5.55
C THR B 66 -1.67 -7.02 -6.71
N ALA B 67 -1.93 -7.44 -7.95
CA ALA B 67 -1.61 -6.59 -9.10
C ALA B 67 -2.37 -5.26 -9.01
N PHE B 68 -3.56 -5.29 -8.42
CA PHE B 68 -4.38 -4.09 -8.24
C PHE B 68 -3.69 -3.01 -7.39
N GLU B 69 -2.74 -3.41 -6.54
CA GLU B 69 -2.00 -2.51 -5.67
C GLU B 69 -0.93 -1.71 -6.43
N ARG B 70 -0.64 -2.10 -7.67
CA ARG B 70 0.43 -1.50 -8.43
C ARG B 70 -0.03 -0.97 -9.78
N PRO B 71 -0.82 0.11 -9.77
CA PRO B 71 -1.32 0.69 -11.01
C PRO B 71 -0.16 1.20 -11.86
N LEU B 72 -0.27 1.14 -13.16
CA LEU B 72 0.80 1.63 -14.05
C LEU B 72 2.04 0.75 -14.15
N LEU B 73 2.16 -0.29 -13.31
CA LEU B 73 3.23 -1.28 -13.46
C LEU B 73 2.73 -2.43 -14.34
N SER B 74 3.53 -2.81 -15.33
CA SER B 74 3.15 -3.95 -16.16
C SER B 74 3.48 -5.28 -15.49
N GLY B 75 4.29 -5.25 -14.43
CA GLY B 75 4.73 -6.50 -13.81
C GLY B 75 5.95 -6.29 -12.90
N VAL B 76 6.15 -7.22 -11.98
CA VAL B 76 7.28 -7.18 -11.06
C VAL B 76 8.07 -8.49 -11.11
N ALA B 77 9.39 -8.38 -10.86
CA ALA B 77 10.25 -9.53 -10.84
C ALA B 77 11.38 -9.32 -9.83
N TYR B 78 11.97 -10.43 -9.39
CA TYR B 78 13.07 -10.40 -8.43
C TYR B 78 14.27 -11.08 -9.09
N ALA B 79 15.39 -10.35 -9.13
CA ALA B 79 16.62 -10.82 -9.70
C ALA B 79 17.59 -11.00 -8.55
N GLU B 80 18.33 -12.10 -8.55
CA GLU B 80 19.25 -12.37 -7.46
C GLU B 80 20.66 -11.99 -7.87
N LYS B 81 21.45 -11.43 -6.96
CA LYS B 81 22.86 -11.13 -7.24
C LYS B 81 23.69 -12.44 -7.30
N VAL B 82 24.45 -12.63 -8.35
CA VAL B 82 25.25 -13.85 -8.56
C VAL B 82 26.62 -13.37 -9.07
N VAL B 83 27.68 -13.63 -8.29
CA VAL B 83 29.05 -13.32 -8.75
C VAL B 83 29.57 -14.49 -9.56
N ASN B 84 30.50 -14.22 -10.49
CA ASN B 84 30.93 -15.30 -11.39
C ASN B 84 31.31 -16.63 -10.74
N PHE B 85 32.07 -16.64 -9.64
CA PHE B 85 32.46 -17.93 -9.05
C PHE B 85 31.27 -18.82 -8.68
N GLU B 86 30.13 -18.20 -8.48
CA GLU B 86 28.92 -18.87 -8.02
C GLU B 86 28.07 -19.35 -9.18
N ARG B 87 28.42 -18.94 -10.40
CA ARG B 87 27.55 -19.16 -11.55
C ARG B 87 27.26 -20.63 -11.80
N GLU B 88 28.29 -21.48 -11.79
CA GLU B 88 28.09 -22.92 -12.05
C GLU B 88 27.11 -23.55 -11.04
N MET B 89 27.30 -23.25 -9.76
CA MET B 89 26.43 -23.79 -8.70
C MET B 89 24.98 -23.25 -8.87
N PHE B 90 24.88 -21.96 -9.15
CA PHE B 90 23.58 -21.31 -9.34
C PHE B 90 22.79 -21.97 -10.48
N GLU B 91 23.45 -22.18 -11.62
CA GLU B 91 22.80 -22.76 -12.81
C GLU B 91 22.44 -24.20 -12.58
N ARG B 92 23.30 -24.95 -11.86
CA ARG B 92 22.98 -26.32 -11.47
CA ARG B 92 22.95 -26.32 -11.52
C ARG B 92 21.73 -26.34 -10.59
N GLN B 93 21.67 -25.43 -9.62
CA GLN B 93 20.55 -25.39 -8.66
C GLN B 93 19.22 -25.00 -9.34
N HIS B 94 19.27 -24.06 -10.29
CA HIS B 94 18.05 -23.61 -10.98
C HIS B 94 17.70 -24.42 -12.24
N ASN B 95 18.65 -25.23 -12.69
CA ASN B 95 18.46 -26.04 -13.89
C ASN B 95 18.19 -25.17 -15.12
N TRP B 96 18.87 -24.03 -15.17
CA TRP B 96 18.88 -23.20 -16.34
C TRP B 96 20.11 -22.30 -16.40
N VAL B 97 20.38 -21.82 -17.60
CA VAL B 97 21.52 -20.96 -17.88
C VAL B 97 21.12 -19.47 -17.86
N ILE B 98 21.99 -18.63 -17.30
CA ILE B 98 21.82 -17.18 -17.30
C ILE B 98 21.91 -16.67 -18.74
N LYS B 99 20.93 -15.86 -19.17
CA LYS B 99 20.78 -15.46 -20.59
C LYS B 99 20.89 -13.95 -20.70
N THR B 100 21.28 -13.51 -21.89
CA THR B 100 21.36 -12.11 -22.27
C THR B 100 19.96 -11.58 -22.61
N MET B 101 19.73 -10.32 -22.28
CA MET B 101 18.43 -9.67 -22.56
CA MET B 101 18.45 -9.68 -22.57
C MET B 101 18.19 -9.48 -24.05
N ASP B 102 19.23 -9.17 -24.82
CA ASP B 102 18.98 -8.79 -26.21
C ASP B 102 18.61 -9.94 -27.17
N ARG B 103 19.24 -11.12 -27.01
CA ARG B 103 18.94 -12.26 -27.90
CA ARG B 103 19.04 -12.29 -27.89
C ARG B 103 18.59 -13.56 -27.14
N GLY B 104 18.60 -13.54 -25.81
CA GLY B 104 18.31 -14.75 -25.04
C GLY B 104 19.37 -15.83 -25.20
N GLU B 105 20.60 -15.41 -25.46
CA GLU B 105 21.71 -16.34 -25.65
C GLU B 105 22.42 -16.57 -24.29
N PRO B 106 23.09 -17.71 -24.13
CA PRO B 106 23.78 -17.94 -22.84
C PRO B 106 24.76 -16.82 -22.54
N SER B 107 24.80 -16.31 -21.31
CA SER B 107 25.59 -15.11 -21.08
C SER B 107 27.11 -15.39 -21.20
N PRO B 108 27.83 -14.53 -21.91
CA PRO B 108 29.29 -14.64 -21.78
C PRO B 108 29.68 -14.39 -20.34
N VAL B 109 30.91 -14.73 -19.98
CA VAL B 109 31.40 -14.50 -18.64
C VAL B 109 31.44 -12.99 -18.32
N ARG B 110 30.93 -12.68 -17.13
CA ARG B 110 30.88 -11.33 -16.57
C ARG B 110 31.29 -11.46 -15.11
N ASP B 111 31.74 -10.38 -14.48
CA ASP B 111 32.12 -10.41 -13.06
C ASP B 111 30.97 -10.84 -12.17
N GLU B 112 29.80 -10.33 -12.52
CA GLU B 112 28.57 -10.62 -11.76
C GLU B 112 27.36 -10.49 -12.69
N TYR B 113 26.19 -10.94 -12.22
CA TYR B 113 24.98 -10.98 -13.03
C TYR B 113 23.80 -10.73 -12.08
N ALA B 114 22.64 -10.43 -12.67
CA ALA B 114 21.39 -10.27 -11.91
C ALA B 114 20.28 -11.05 -12.62
N PRO B 115 20.35 -12.39 -12.57
CA PRO B 115 19.34 -13.19 -13.25
C PRO B 115 17.99 -13.16 -12.54
N VAL B 116 16.94 -12.98 -13.30
CA VAL B 116 15.58 -13.08 -12.70
C VAL B 116 15.22 -14.49 -12.28
N ILE B 117 14.91 -14.67 -11.00
CA ILE B 117 14.51 -15.95 -10.45
C ILE B 117 13.01 -16.05 -10.11
N PHE B 118 12.39 -14.92 -9.82
CA PHE B 118 10.92 -14.92 -9.52
C PHE B 118 10.30 -13.86 -10.42
N SER B 119 9.14 -14.16 -10.99
CA SER B 119 8.50 -13.20 -11.84
C SER B 119 6.97 -13.34 -11.77
N GLN B 120 6.30 -12.20 -11.82
CA GLN B 120 4.87 -12.16 -12.13
C GLN B 120 4.69 -12.72 -13.55
N ASP B 121 3.61 -13.46 -13.77
CA ASP B 121 3.42 -14.16 -15.06
C ASP B 121 3.29 -13.15 -16.21
N SER B 122 2.85 -11.93 -15.94
CA SER B 122 2.74 -10.87 -16.95
C SER B 122 4.11 -10.48 -17.51
N VAL B 123 5.17 -10.75 -16.75
CA VAL B 123 6.54 -10.57 -17.25
C VAL B 123 7.36 -11.87 -17.17
N SER B 124 6.74 -12.98 -17.54
CA SER B 124 7.38 -14.28 -17.42
C SER B 124 8.62 -14.41 -18.32
N TYR B 125 8.61 -13.70 -19.43
CA TYR B 125 9.76 -13.66 -20.36
C TYR B 125 11.04 -13.15 -19.71
N LEU B 126 10.95 -12.49 -18.55
CA LEU B 126 12.17 -12.07 -17.83
C LEU B 126 12.94 -13.20 -17.14
N GLU B 127 12.28 -14.31 -16.84
CA GLU B 127 12.89 -15.40 -16.08
CA GLU B 127 12.90 -15.38 -16.07
C GLU B 127 14.20 -15.84 -16.74
N SER B 128 15.25 -15.90 -15.92
CA SER B 128 16.62 -16.31 -16.32
C SER B 128 17.42 -15.21 -17.06
N LEU B 129 16.79 -14.09 -17.43
CA LEU B 129 17.53 -13.00 -18.03
C LEU B 129 18.40 -12.28 -17.00
N ASP B 130 19.64 -12.00 -17.38
CA ASP B 130 20.52 -11.15 -16.63
C ASP B 130 20.17 -9.68 -16.81
N MET B 131 19.59 -9.07 -15.77
CA MET B 131 19.12 -7.69 -15.86
C MET B 131 20.28 -6.68 -15.97
N MET B 132 21.51 -7.11 -15.68
CA MET B 132 22.67 -6.27 -15.93
C MET B 132 23.09 -6.20 -17.39
N SER B 133 22.51 -7.05 -18.23
CA SER B 133 22.82 -7.04 -19.66
C SER B 133 22.06 -6.02 -20.48
N GLY B 134 21.23 -5.21 -19.84
CA GLY B 134 20.63 -4.01 -20.46
C GLY B 134 21.14 -2.78 -19.71
N GLU B 135 21.58 -1.76 -20.44
CA GLU B 135 22.30 -0.66 -19.80
C GLU B 135 21.44 0.16 -18.85
N GLU B 136 20.14 0.39 -19.16
CA GLU B 136 19.26 1.13 -18.27
C GLU B 136 19.04 0.36 -16.95
N ASP B 137 18.74 -0.94 -17.06
CA ASP B 137 18.55 -1.78 -15.89
C ASP B 137 19.85 -1.95 -15.08
N ARG B 138 20.97 -2.06 -15.77
CA ARG B 138 22.28 -2.19 -15.10
C ARG B 138 22.58 -0.98 -14.21
N GLU B 139 22.49 0.20 -14.79
CA GLU B 139 22.67 1.42 -14.00
C GLU B 139 21.69 1.54 -12.84
N ASN B 140 20.45 1.19 -13.05
CA ASN B 140 19.46 1.23 -11.99
C ASN B 140 19.86 0.31 -10.83
N ILE B 141 20.31 -0.88 -11.17
CA ILE B 141 20.70 -1.88 -10.15
C ILE B 141 21.86 -1.36 -9.30
N LEU B 142 22.87 -0.75 -9.94
CA LEU B 142 24.03 -0.26 -9.20
C LEU B 142 23.63 0.87 -8.28
N ARG B 143 22.85 1.82 -8.79
CA ARG B 143 22.42 2.93 -7.96
C ARG B 143 21.46 2.48 -6.82
N ALA B 144 20.56 1.53 -7.07
CA ALA B 144 19.66 0.98 -6.03
C ALA B 144 20.53 0.42 -4.89
N ARG B 145 21.45 -0.49 -5.22
CA ARG B 145 22.25 -1.10 -4.17
C ARG B 145 23.20 -0.16 -3.45
N GLU B 146 23.81 0.81 -4.15
CA GLU B 146 24.69 1.79 -3.49
C GLU B 146 23.97 2.82 -2.61
N THR B 147 22.73 3.19 -2.95
CA THR B 147 22.01 4.21 -2.16
C THR B 147 21.04 3.65 -1.13
N GLY B 148 20.56 2.42 -1.35
CA GLY B 148 19.64 1.80 -0.41
C GLY B 148 18.20 2.17 -0.63
N LYS B 149 17.92 2.83 -1.75
CA LYS B 149 16.57 3.36 -1.98
C LYS B 149 16.09 3.08 -3.39
N ALA B 150 14.80 3.29 -3.60
CA ALA B 150 14.17 3.08 -4.91
C ALA B 150 14.82 4.02 -5.92
N VAL B 151 15.08 3.52 -7.14
CA VAL B 151 15.60 4.34 -8.22
C VAL B 151 14.84 4.13 -9.51
N LEU B 152 14.82 5.18 -10.32
CA LEU B 152 14.17 5.14 -11.62
C LEU B 152 15.17 5.34 -12.77
N THR B 153 14.91 4.67 -13.89
CA THR B 153 15.65 4.90 -15.12
C THR B 153 15.14 6.15 -15.88
N SER B 154 15.87 6.52 -16.91
CA SER B 154 15.39 7.38 -18.00
C SER B 154 14.34 6.60 -18.77
N PRO B 155 13.54 7.30 -19.59
CA PRO B 155 12.58 6.62 -20.44
C PRO B 155 13.31 5.79 -21.51
N PHE B 156 12.91 4.53 -21.67
CA PHE B 156 13.44 3.69 -22.73
C PHE B 156 12.38 2.65 -23.12
N ARG B 157 12.63 1.94 -24.20
CA ARG B 157 11.64 0.99 -24.73
C ARG B 157 11.83 -0.37 -24.08
N LEU B 158 10.75 -0.89 -23.51
CA LEU B 158 10.77 -2.07 -22.67
C LEU B 158 10.78 -3.33 -23.52
N LEU B 159 11.24 -4.41 -22.91
CA LEU B 159 11.26 -5.72 -23.54
C LEU B 159 9.87 -6.17 -23.96
N GLU B 160 9.85 -6.96 -25.03
CA GLU B 160 8.65 -7.61 -25.54
C GLU B 160 7.68 -6.67 -26.20
N THR B 161 7.22 -5.68 -25.46
CA THR B 161 6.17 -4.81 -25.97
C THR B 161 6.72 -3.63 -26.78
N HIS B 162 7.96 -3.25 -26.49
CA HIS B 162 8.62 -2.07 -27.05
C HIS B 162 7.95 -0.77 -26.63
N HIS B 163 7.17 -0.83 -25.54
CA HIS B 163 6.46 0.35 -25.06
C HIS B 163 7.47 1.25 -24.35
N LEU B 164 7.36 2.56 -24.53
CA LEU B 164 8.19 3.51 -23.82
C LEU B 164 7.78 3.55 -22.36
N GLY B 165 8.75 3.35 -21.48
CA GLY B 165 8.47 3.36 -20.06
C GLY B 165 9.70 3.65 -19.19
N VAL B 166 9.56 3.47 -17.88
CA VAL B 166 10.67 3.66 -16.94
C VAL B 166 10.67 2.50 -15.95
N VAL B 167 11.86 2.04 -15.58
CA VAL B 167 11.98 0.94 -14.66
C VAL B 167 12.28 1.47 -13.27
N LEU B 168 11.67 0.81 -12.29
CA LEU B 168 11.81 1.07 -10.88
C LEU B 168 12.56 -0.11 -10.26
N THR B 169 13.61 0.14 -9.48
CA THR B 169 14.39 -0.96 -8.86
C THR B 169 14.64 -0.63 -7.42
N PHE B 170 14.39 -1.62 -6.55
CA PHE B 170 14.69 -1.56 -5.12
C PHE B 170 15.75 -2.58 -4.80
N PRO B 171 16.72 -2.23 -3.93
CA PRO B 171 17.66 -3.26 -3.50
C PRO B 171 17.06 -4.15 -2.39
N VAL B 172 17.49 -5.41 -2.32
CA VAL B 172 17.23 -6.31 -1.23
C VAL B 172 18.59 -6.76 -0.64
N TYR B 173 18.75 -6.65 0.67
CA TYR B 173 20.03 -6.93 1.31
C TYR B 173 19.94 -8.15 2.23
N LYS B 174 21.12 -8.71 2.51
CA LYS B 174 21.29 -9.76 3.52
C LYS B 174 21.22 -9.09 4.90
N SER B 175 20.86 -9.87 5.90
CA SER B 175 20.79 -9.36 7.28
C SER B 175 22.15 -9.05 7.89
N SER B 176 23.22 -9.35 7.15
CA SER B 176 24.57 -8.98 7.54
C SER B 176 24.88 -7.50 7.24
N LEU B 177 23.98 -6.80 6.56
CA LEU B 177 24.10 -5.34 6.37
C LEU B 177 24.26 -4.60 7.71
N PRO B 178 25.39 -3.90 7.90
CA PRO B 178 25.61 -3.14 9.14
C PRO B 178 24.63 -1.96 9.28
N GLU B 179 24.50 -1.43 10.49
CA GLU B 179 23.68 -0.21 10.65
C GLU B 179 24.51 0.98 10.18
N ASN B 180 23.86 1.99 9.60
CA ASN B 180 24.54 3.13 8.97
C ASN B 180 25.68 2.66 8.06
N PRO B 181 25.32 1.86 7.05
CA PRO B 181 26.36 1.26 6.20
C PRO B 181 27.02 2.25 5.27
N THR B 182 28.26 1.96 4.91
CA THR B 182 28.95 2.68 3.86
C THR B 182 28.42 2.11 2.57
N VAL B 183 28.71 2.77 1.46
CA VAL B 183 28.38 2.21 0.14
C VAL B 183 29.07 0.85 -0.07
N GLU B 184 30.32 0.74 0.34
CA GLU B 184 31.04 -0.52 0.20
C GLU B 184 30.34 -1.66 0.97
N GLU B 185 29.87 -1.36 2.18
CA GLU B 185 29.13 -2.32 3.00
C GLU B 185 27.79 -2.70 2.34
N ARG B 186 27.11 -1.74 1.71
CA ARG B 186 25.88 -2.05 0.98
CA ARG B 186 25.88 -2.05 0.98
C ARG B 186 26.12 -3.01 -0.17
N ILE B 187 27.13 -2.73 -0.99
CA ILE B 187 27.43 -3.62 -2.10
C ILE B 187 27.70 -5.03 -1.62
N ALA B 188 28.54 -5.16 -0.58
CA ALA B 188 28.91 -6.45 -0.02
C ALA B 188 27.70 -7.23 0.50
N ALA B 189 26.72 -6.50 1.01
CA ALA B 189 25.55 -7.11 1.64
C ALA B 189 24.34 -7.28 0.70
N THR B 190 24.51 -6.95 -0.58
CA THR B 190 23.41 -7.01 -1.55
C THR B 190 23.02 -8.47 -1.82
N ALA B 191 21.72 -8.76 -1.77
CA ALA B 191 21.20 -10.06 -2.15
C ALA B 191 20.62 -10.06 -3.55
N GLY B 192 20.03 -8.94 -3.94
CA GLY B 192 19.26 -8.90 -5.17
C GLY B 192 18.49 -7.65 -5.33
N TYR B 193 17.60 -7.66 -6.32
CA TYR B 193 16.95 -6.45 -6.84
C TYR B 193 15.50 -6.78 -7.21
N LEU B 194 14.59 -6.03 -6.65
CA LEU B 194 13.17 -6.15 -6.92
C LEU B 194 12.82 -5.00 -7.84
N GLY B 195 12.35 -5.33 -9.04
CA GLY B 195 12.03 -4.35 -10.04
C GLY B 195 10.65 -4.47 -10.65
N GLY B 196 10.22 -3.38 -11.25
CA GLY B 196 9.01 -3.33 -12.05
C GLY B 196 9.11 -2.31 -13.16
N ALA B 197 8.28 -2.46 -14.16
CA ALA B 197 8.27 -1.59 -15.33
C ALA B 197 7.05 -0.72 -15.31
N PHE B 198 7.24 0.58 -15.27
CA PHE B 198 6.18 1.56 -15.50
C PHE B 198 5.96 1.67 -17.00
N ASP B 199 4.89 1.05 -17.49
CA ASP B 199 4.56 1.12 -18.90
C ASP B 199 3.82 2.41 -19.13
N VAL B 200 4.61 3.43 -19.46
CA VAL B 200 4.05 4.78 -19.58
C VAL B 200 3.18 4.86 -20.83
N GLU B 201 3.72 4.39 -21.96
CA GLU B 201 3.05 4.54 -23.26
C GLU B 201 1.62 3.99 -23.26
N SER B 202 1.39 2.83 -22.65
CA SER B 202 0.05 2.24 -22.59
C SER B 202 -0.71 2.64 -21.32
N LEU B 203 -0.12 2.46 -20.14
CA LEU B 203 -0.90 2.60 -18.90
C LEU B 203 -1.12 4.05 -18.49
N VAL B 204 -0.17 4.94 -18.76
CA VAL B 204 -0.44 6.37 -18.55
C VAL B 204 -1.44 6.91 -19.59
N GLU B 205 -1.34 6.43 -20.83
CA GLU B 205 -2.33 6.78 -21.86
C GLU B 205 -3.71 6.33 -21.42
N ASN B 206 -3.78 5.13 -20.82
CA ASN B 206 -5.07 4.68 -20.33
CA ASN B 206 -5.06 4.64 -20.26
C ASN B 206 -5.62 5.60 -19.23
N LEU B 207 -4.77 5.98 -18.29
CA LEU B 207 -5.15 6.87 -17.19
C LEU B 207 -5.62 8.24 -17.69
N LEU B 208 -4.85 8.88 -18.58
CA LEU B 208 -5.09 10.28 -18.99
C LEU B 208 -6.08 10.43 -20.13
N GLY B 209 -5.97 9.55 -21.12
CA GLY B 209 -6.85 9.56 -22.30
C GLY B 209 -8.33 9.36 -22.09
N GLN B 210 -8.74 8.70 -21.01
CA GLN B 210 -10.16 8.55 -20.73
C GLN B 210 -10.77 9.80 -20.08
N LEU B 211 -9.95 10.77 -19.68
CA LEU B 211 -10.45 11.91 -18.91
C LEU B 211 -11.17 12.93 -19.77
N ALA B 212 -12.23 13.53 -19.21
CA ALA B 212 -12.96 14.57 -19.91
C ALA B 212 -12.07 15.76 -20.26
N GLY B 213 -12.29 16.29 -21.47
CA GLY B 213 -11.49 17.38 -22.01
C GLY B 213 -10.14 16.98 -22.58
N ASN B 214 -9.83 15.68 -22.61
CA ASN B 214 -8.56 15.19 -23.18
C ASN B 214 -8.34 15.68 -24.63
N GLN B 215 -9.42 15.85 -25.42
CA GLN B 215 -9.28 16.26 -26.83
C GLN B 215 -8.96 17.76 -27.04
N ALA B 216 -9.10 18.56 -25.99
CA ALA B 216 -8.86 20.00 -26.08
C ALA B 216 -7.42 20.39 -25.71
N ILE B 217 -6.69 19.49 -25.07
CA ILE B 217 -5.30 19.81 -24.67
C ILE B 217 -4.25 18.79 -25.14
N VAL B 218 -3.00 19.26 -25.11
CA VAL B 218 -1.82 18.48 -25.44
C VAL B 218 -1.07 18.32 -24.13
N VAL B 219 -0.82 17.08 -23.73
CA VAL B 219 -0.09 16.78 -22.49
C VAL B 219 1.25 16.08 -22.79
N HIS B 220 2.32 16.58 -22.17
CA HIS B 220 3.61 15.91 -22.20
C HIS B 220 4.11 15.72 -20.78
N VAL B 221 4.84 14.63 -20.56
CA VAL B 221 5.66 14.48 -19.37
C VAL B 221 7.11 14.34 -19.85
N TYR B 222 8.00 15.11 -19.24
CA TYR B 222 9.43 15.12 -19.61
C TYR B 222 10.29 14.71 -18.40
N ASP B 223 11.32 13.91 -18.67
CA ASP B 223 12.43 13.70 -17.73
C ASP B 223 13.41 14.84 -17.99
N ILE B 224 13.55 15.74 -17.03
CA ILE B 224 14.38 16.92 -17.20
C ILE B 224 15.58 16.82 -16.28
N THR B 225 16.07 15.58 -16.09
CA THR B 225 17.23 15.36 -15.22
C THR B 225 18.43 16.17 -15.74
N ASN B 226 18.58 16.19 -17.06
CA ASN B 226 19.54 17.06 -17.73
C ASN B 226 18.74 18.18 -18.38
N ALA B 227 18.76 19.35 -17.75
CA ALA B 227 17.95 20.49 -18.22
C ALA B 227 18.20 20.83 -19.69
N SER B 228 19.43 20.61 -20.19
CA SER B 228 19.75 20.87 -21.61
C SER B 228 19.31 19.75 -22.58
N ASP B 229 18.85 18.61 -22.04
CA ASP B 229 18.47 17.45 -22.85
C ASP B 229 17.24 16.78 -22.23
N PRO B 230 16.08 17.48 -22.30
CA PRO B 230 14.82 16.91 -21.83
C PRO B 230 14.47 15.69 -22.65
N LEU B 231 13.94 14.66 -21.97
CA LEU B 231 13.62 13.40 -22.63
C LEU B 231 12.14 13.17 -22.46
N VAL B 232 11.45 12.87 -23.56
CA VAL B 232 10.02 12.62 -23.50
C VAL B 232 9.75 11.32 -22.75
N MET B 233 8.87 11.37 -21.75
CA MET B 233 8.40 10.18 -21.04
C MET B 233 7.00 9.81 -21.56
N TYR B 234 6.17 10.84 -21.80
CA TYR B 234 4.84 10.69 -22.32
C TYR B 234 4.54 11.85 -23.27
N GLY B 235 3.94 11.52 -24.42
CA GLY B 235 3.50 12.53 -25.40
C GLY B 235 4.25 12.43 -26.72
N ASN B 236 3.97 13.37 -27.64
CA ASN B 236 4.51 13.36 -29.01
C ASN B 236 5.88 14.05 -29.08
N GLN B 237 6.46 14.17 -30.28
CA GLN B 237 7.84 14.69 -30.38
C GLN B 237 7.92 16.20 -30.66
N ASP B 238 6.79 16.91 -30.56
CA ASP B 238 6.74 18.34 -30.90
C ASP B 238 7.64 19.20 -29.98
N GLU B 239 8.48 20.03 -30.61
CA GLU B 239 9.47 20.85 -29.91
C GLU B 239 8.89 22.21 -29.55
N SER B 244 1.70 28.89 -28.04
CA SER B 244 2.33 29.78 -27.07
C SER B 244 1.96 29.40 -25.63
N LEU B 245 0.66 29.44 -25.32
CA LEU B 245 0.17 29.28 -23.95
C LEU B 245 0.31 27.84 -23.45
N SER B 246 1.32 27.61 -22.62
CA SER B 246 1.47 26.34 -21.89
C SER B 246 1.35 26.57 -20.39
N HIS B 247 1.30 25.48 -19.65
CA HIS B 247 1.40 25.50 -18.21
C HIS B 247 2.28 24.35 -17.77
N GLU B 248 3.15 24.60 -16.79
CA GLU B 248 4.01 23.56 -16.21
CA GLU B 248 3.99 23.55 -16.21
C GLU B 248 3.41 23.12 -14.88
N SER B 249 3.11 21.83 -14.75
CA SER B 249 2.66 21.28 -13.48
C SER B 249 3.77 20.38 -12.91
N LYS B 250 4.00 20.53 -11.61
CA LYS B 250 5.01 19.73 -10.86
C LYS B 250 4.73 18.21 -10.83
N LEU B 251 5.80 17.42 -11.00
CA LEU B 251 5.79 15.99 -10.72
C LEU B 251 7.01 15.67 -9.86
N ASP B 252 6.84 14.78 -8.90
CA ASP B 252 7.93 14.25 -8.09
C ASP B 252 7.73 12.74 -7.99
N PHE B 253 8.54 11.96 -8.71
CA PHE B 253 8.38 10.51 -8.73
C PHE B 253 9.24 9.81 -7.66
N GLY B 254 9.93 10.58 -6.83
CA GLY B 254 10.52 10.04 -5.59
C GLY B 254 12.01 9.68 -5.65
N ASP B 255 12.64 9.79 -6.82
CA ASP B 255 14.08 9.53 -6.96
C ASP B 255 14.80 10.86 -7.17
N PRO B 256 15.57 11.33 -6.16
CA PRO B 256 16.33 12.59 -6.23
C PRO B 256 17.34 12.72 -7.38
N PHE B 257 17.77 11.57 -7.92
CA PHE B 257 18.68 11.55 -9.06
C PHE B 257 18.00 12.05 -10.34
N ARG B 258 16.68 11.93 -10.39
CA ARG B 258 15.87 12.29 -11.56
C ARG B 258 14.92 13.46 -11.27
N LYS B 259 14.59 14.22 -12.31
CA LYS B 259 13.59 15.30 -12.20
C LYS B 259 12.61 15.17 -13.36
N HIS B 260 11.34 15.49 -13.12
CA HIS B 260 10.32 15.41 -14.15
C HIS B 260 9.38 16.62 -14.09
N LYS B 261 8.63 16.81 -15.17
CA LYS B 261 7.58 17.86 -15.19
C LYS B 261 6.50 17.45 -16.19
N MET B 262 5.28 17.93 -15.94
CA MET B 262 4.20 17.84 -16.92
C MET B 262 3.99 19.22 -17.54
N ILE B 263 3.83 19.26 -18.86
CA ILE B 263 3.48 20.47 -19.59
C ILE B 263 2.17 20.21 -20.34
N CYS B 264 1.22 21.13 -20.20
CA CYS B 264 -0.03 21.05 -20.93
C CYS B 264 -0.27 22.33 -21.73
N ARG B 265 -0.90 22.17 -22.89
CA ARG B 265 -1.10 23.22 -23.88
C ARG B 265 -2.46 23.03 -24.56
N TYR B 266 -3.13 24.11 -24.97
CA TYR B 266 -4.31 23.95 -25.85
C TYR B 266 -3.84 23.65 -27.27
N HIS B 267 -4.72 23.01 -28.06
CA HIS B 267 -4.43 22.77 -29.47
C HIS B 267 -4.35 24.06 -30.31
N GLN B 268 -5.45 24.83 -30.34
CA GLN B 268 -5.53 26.04 -31.18
C GLN B 268 -5.18 27.31 -30.40
N1 EMU C . -7.35 -4.43 17.45
C2 EMU C . -6.62 -3.90 18.46
N3 EMU C . -7.27 -3.50 19.56
C4 EMU C . -8.55 -3.84 19.76
C5 EMU C . -9.33 -4.41 18.71
C6 EMU C . -8.64 -4.82 17.58
C9 EMU C . -8.53 -5.89 15.31
N7 EMU C . -10.66 -4.50 19.15
C8 EMU C . -10.69 -4.00 20.40
N9 EMU C . -9.45 -3.52 20.75
C10 EMU C . -8.82 -7.29 14.83
C11 EMU C . -7.84 -8.27 14.86
C12 EMU C . -8.10 -9.56 14.39
C13 EMU C . -9.36 -9.83 13.84
C14 EMU C . -10.34 -8.88 13.80
C15 EMU C . -10.08 -7.58 14.27
N10 EMU C . -9.30 -5.47 16.47
N1 EMU D . 10.90 -5.07 -16.43
C2 EMU D . 10.08 -5.30 -17.45
N3 EMU D . 10.43 -5.05 -18.70
C4 EMU D . 11.65 -4.54 -18.95
C5 EMU D . 12.60 -4.37 -17.92
C6 EMU D . 12.19 -4.63 -16.62
C9 EMU D . 12.48 -4.66 -14.16
N7 EMU D . 13.78 -3.88 -18.52
C8 EMU D . 13.58 -3.87 -19.84
N9 EMU D . 12.31 -4.30 -20.14
C10 EMU D . 13.43 -5.35 -13.22
C11 EMU D . 13.18 -6.65 -12.81
C12 EMU D . 14.03 -7.30 -11.92
C13 EMU D . 15.16 -6.64 -11.41
C14 EMU D . 15.46 -5.34 -11.83
C15 EMU D . 14.58 -4.70 -12.73
N10 EMU D . 13.00 -4.39 -15.48
C1 MLI E . -9.26 -11.59 -4.15
C2 MLI E . -8.17 -12.46 -3.63
C3 MLI E . -9.34 -10.26 -3.50
O6 MLI E . -7.07 -12.41 -4.25
O7 MLI E . -8.24 -12.89 -2.42
O8 MLI E . -10.29 -9.50 -3.87
O9 MLI E . -8.82 -10.12 -2.36
#